data_2JEI
#
_entry.id   2JEI
#
_cell.length_a   94.492
_cell.length_b   103.717
_cell.length_c   52.621
_cell.angle_alpha   90.00
_cell.angle_beta   90.00
_cell.angle_gamma   90.00
#
_symmetry.space_group_name_H-M   'P 21 21 2'
#
loop_
_entity.id
_entity.type
_entity.pdbx_description
1 polymer 'DNA POLYMERASE IV'
2 polymer "5'-D(*GP*GP*GP*GP*GP*AP*AP*GP*GP*AP *TP*TP*CP*T)-3'"
3 polymer "5'-D(*TP*CP*AP*C BZGP*GP*AP*AP*TP*CP*CP *TP*TP*CP*CP*CP*CP*C)-3'"
4 non-polymer 'CALCIUM ION'
5 non-polymer "2'-DEOXYGUANOSINE-5'-TRIPHOSPHATE"
6 water water
#
loop_
_entity_poly.entity_id
_entity_poly.type
_entity_poly.pdbx_seq_one_letter_code
_entity_poly.pdbx_strand_id
1 'polypeptide(L)'
;HHHHHHMIVLFVDFDYFYAQVEEVLNPSLKGKPVVVCVFSGRFEDSGAVATANYEARKFGVKAGIPIVEAKKILPNAVYL
PMRKEVYQQVSSRIMNLLREYSEKIEIASIDEAYLDISDKVRDYREAYNLGLEIKNKILEKEKITVTVGISKNKVFAKIA
ADMAKPNGIKVIDDEEVKRLIRELDIADVPGIGNITAEKLKKLGINKLVDTLSIEFDKLKGMIGEAKAKYLISLARDEYN
EPIRTRVRKSIGRIVTMKRNSRNLEEIKPYLFRAIEESYYKLDKRIPKAIHVVAVTEDLDIVSRGRTFPHGISKETAYSE
SVKLLQKILEEDERKIRRIGVRFSKFIEAIGLDKFFDT
;
A
2 'polydeoxyribonucleotide' (DG)(DG)(DG)(DG)(DG)(DA)(DA)(DG)(DG)(DA)(DT)(DT)(DC)(DT) P
3 'polydeoxyribonucleotide' (DT)(DC)(DA)(DC)(BZG)(DG)(DA)(DA)(DT)(DC)(DC)(DT)(DT)(DC)(DC)(DC)(DC)(DC) T
#
loop_
_chem_comp.id
_chem_comp.type
_chem_comp.name
_chem_comp.formula
BZG DNA linking 6-(BENZYLOXY)-9-(2-DEOXY-5-O-PHOSPHONO-BETA-D-ERYTHRO-PENTOFURANOSYL)-9H-PURIN-2-AMINE 'C17 H20 N5 O7 P'
CA non-polymer 'CALCIUM ION' 'Ca 2'
DA DNA linking 2'-DEOXYADENOSINE-5'-MONOPHOSPHATE 'C10 H14 N5 O6 P'
DC DNA linking 2'-DEOXYCYTIDINE-5'-MONOPHOSPHATE 'C9 H14 N3 O7 P'
DG DNA linking 2'-DEOXYGUANOSINE-5'-MONOPHOSPHATE 'C10 H14 N5 O7 P'
DGT non-polymer 2'-DEOXYGUANOSINE-5'-TRIPHOSPHATE 'C10 H16 N5 O13 P3'
DT DNA linking THYMIDINE-5'-MONOPHOSPHATE 'C10 H15 N2 O8 P'
#
# COMPACT_ATOMS: atom_id res chain seq x y z
N HIS A 5 -28.56 0.58 12.86
CA HIS A 5 -28.14 0.58 14.28
C HIS A 5 -26.69 1.08 14.34
N HIS A 6 -25.93 0.69 13.32
CA HIS A 6 -24.53 1.09 13.15
C HIS A 6 -24.12 0.77 11.71
N MET A 7 -22.87 1.07 11.38
CA MET A 7 -22.34 0.86 10.04
C MET A 7 -22.12 -0.60 9.63
N ILE A 8 -22.18 -0.84 8.33
CA ILE A 8 -21.95 -2.16 7.75
C ILE A 8 -20.92 -1.95 6.66
N VAL A 9 -19.68 -2.31 6.94
CA VAL A 9 -18.61 -2.11 5.96
C VAL A 9 -18.20 -3.40 5.28
N LEU A 10 -18.00 -3.30 3.97
CA LEU A 10 -17.59 -4.44 3.17
C LEU A 10 -16.27 -4.09 2.47
N PHE A 11 -15.21 -4.78 2.87
CA PHE A 11 -13.88 -4.55 2.32
C PHE A 11 -13.53 -5.57 1.25
N VAL A 12 -12.91 -5.09 0.18
CA VAL A 12 -12.52 -5.96 -0.93
C VAL A 12 -11.02 -5.87 -1.23
N ASP A 13 -10.37 -7.03 -1.23
CA ASP A 13 -8.93 -7.10 -1.48
C ASP A 13 -8.65 -8.16 -2.54
N PHE A 14 -8.10 -7.78 -3.69
CA PHE A 14 -7.81 -8.76 -4.75
C PHE A 14 -6.67 -9.68 -4.37
N ASP A 15 -6.77 -10.97 -4.66
CA ASP A 15 -5.70 -11.90 -4.30
C ASP A 15 -4.40 -11.81 -5.11
N TYR A 16 -3.27 -11.86 -4.40
CA TYR A 16 -1.93 -11.80 -5.01
C TYR A 16 -1.99 -11.09 -6.34
N PHE A 17 -2.68 -9.95 -6.28
CA PHE A 17 -2.97 -9.13 -7.43
C PHE A 17 -2.06 -9.04 -8.64
N TYR A 18 -0.87 -8.48 -8.49
CA TYR A 18 0.03 -8.36 -9.65
C TYR A 18 0.26 -9.69 -10.35
N ALA A 19 0.53 -10.73 -9.58
CA ALA A 19 0.79 -12.04 -10.17
C ALA A 19 -0.48 -12.66 -10.79
N GLN A 20 -1.64 -12.48 -10.15
CA GLN A 20 -2.86 -13.05 -10.70
C GLN A 20 -3.15 -12.43 -12.05
N VAL A 21 -2.85 -11.14 -12.20
CA VAL A 21 -3.08 -10.48 -13.47
C VAL A 21 -2.18 -11.09 -14.53
N GLU A 22 -0.93 -11.40 -14.18
CA GLU A 22 -0.04 -12.02 -15.14
C GLU A 22 -0.64 -13.37 -15.57
N GLU A 23 -1.33 -14.05 -14.65
CA GLU A 23 -1.95 -15.32 -14.99
C GLU A 23 -3.12 -15.09 -15.94
N VAL A 24 -4.01 -14.17 -15.57
CA VAL A 24 -5.15 -13.86 -16.40
C VAL A 24 -4.68 -13.60 -17.84
N LEU A 25 -3.66 -12.76 -17.99
CA LEU A 25 -3.11 -12.43 -19.31
C LEU A 25 -2.36 -13.58 -20.01
N ASN A 26 -2.01 -14.61 -19.26
CA ASN A 26 -1.29 -15.77 -19.80
C ASN A 26 -1.63 -16.93 -18.88
N PRO A 27 -2.85 -17.45 -19.01
CA PRO A 27 -3.33 -18.57 -18.18
C PRO A 27 -2.46 -19.82 -18.17
N SER A 28 -1.51 -19.93 -19.09
CA SER A 28 -0.65 -21.12 -19.11
C SER A 28 0.24 -21.09 -17.88
N LEU A 29 0.23 -19.97 -17.17
CA LEU A 29 1.04 -19.80 -15.95
C LEU A 29 0.39 -20.41 -14.71
N LYS A 30 -0.94 -20.51 -14.73
CA LYS A 30 -1.68 -21.04 -13.59
C LYS A 30 -1.06 -22.33 -13.06
N GLY A 31 -1.10 -22.52 -11.76
CA GLY A 31 -0.52 -23.71 -11.17
C GLY A 31 0.98 -23.60 -10.94
N LYS A 32 1.66 -22.84 -11.79
CA LYS A 32 3.10 -22.64 -11.68
C LYS A 32 3.44 -21.50 -10.70
N PRO A 33 4.65 -21.53 -10.12
CA PRO A 33 5.04 -20.46 -9.20
C PRO A 33 5.39 -19.23 -10.02
N VAL A 34 4.66 -18.14 -9.78
CA VAL A 34 4.87 -16.90 -10.52
C VAL A 34 5.43 -15.81 -9.62
N VAL A 35 6.50 -15.16 -10.07
CA VAL A 35 7.13 -14.10 -9.27
C VAL A 35 7.31 -12.79 -10.04
N VAL A 36 6.53 -11.77 -9.66
CA VAL A 36 6.61 -10.47 -10.32
C VAL A 36 7.74 -9.71 -9.66
N CYS A 37 8.72 -9.32 -10.44
CA CYS A 37 9.90 -8.66 -9.91
C CYS A 37 10.14 -7.22 -10.31
N VAL A 38 10.90 -6.55 -9.46
CA VAL A 38 11.31 -5.17 -9.67
C VAL A 38 12.83 -5.22 -9.88
N PHE A 39 13.26 -5.25 -11.15
CA PHE A 39 14.68 -5.31 -11.50
C PHE A 39 15.35 -3.93 -11.43
N SER A 40 16.25 -3.75 -10.47
CA SER A 40 16.95 -2.48 -10.28
C SER A 40 18.08 -2.18 -11.27
N GLY A 41 18.47 -3.15 -12.09
CA GLY A 41 19.52 -2.89 -13.06
C GLY A 41 20.96 -2.82 -12.55
N ARG A 42 21.17 -2.92 -11.24
CA ARG A 42 22.53 -2.85 -10.69
C ARG A 42 23.39 -4.06 -11.10
N PHE A 43 22.74 -5.18 -11.39
CA PHE A 43 23.42 -6.40 -11.82
C PHE A 43 22.37 -7.47 -12.12
N GLU A 44 22.73 -8.42 -12.98
CA GLU A 44 21.83 -9.51 -13.39
C GLU A 44 20.45 -9.49 -12.76
N ASP A 45 20.34 -10.02 -11.55
CA ASP A 45 19.05 -10.07 -10.88
C ASP A 45 18.95 -9.17 -9.66
N SER A 46 19.51 -7.98 -9.73
CA SER A 46 19.42 -7.06 -8.59
C SER A 46 17.96 -6.67 -8.52
N GLY A 47 17.45 -6.48 -7.33
CA GLY A 47 16.08 -6.07 -7.19
C GLY A 47 15.34 -6.87 -6.13
N ALA A 48 14.05 -6.58 -6.00
CA ALA A 48 13.20 -7.25 -5.06
C ALA A 48 11.95 -7.79 -5.73
N VAL A 49 11.22 -8.61 -4.99
CA VAL A 49 9.97 -9.19 -5.47
C VAL A 49 8.81 -8.25 -5.14
N ALA A 50 8.01 -7.87 -6.14
CA ALA A 50 6.85 -6.99 -5.87
C ALA A 50 5.80 -7.85 -5.18
N THR A 51 5.58 -9.05 -5.71
CA THR A 51 4.63 -10.00 -5.13
C THR A 51 4.78 -11.36 -5.81
N ALA A 52 4.14 -12.38 -5.26
CA ALA A 52 4.22 -13.73 -5.84
C ALA A 52 2.91 -14.48 -5.63
N ASN A 53 2.56 -15.43 -6.50
CA ASN A 53 1.33 -16.15 -6.21
C ASN A 53 1.58 -17.13 -5.05
N TYR A 54 0.51 -17.73 -4.53
CA TYR A 54 0.62 -18.66 -3.40
C TYR A 54 1.47 -19.90 -3.66
N GLU A 55 1.46 -20.40 -4.89
CA GLU A 55 2.26 -21.58 -5.18
C GLU A 55 3.73 -21.28 -4.90
N ALA A 56 4.09 -20.00 -4.94
CA ALA A 56 5.45 -19.58 -4.67
C ALA A 56 5.65 -19.08 -3.25
N ARG A 57 4.61 -18.54 -2.62
CA ARG A 57 4.75 -18.02 -1.26
C ARG A 57 4.78 -19.16 -0.24
N LYS A 58 4.40 -20.36 -0.64
CA LYS A 58 4.43 -21.43 0.34
C LYS A 58 5.86 -21.94 0.53
N PHE A 59 6.78 -21.44 -0.28
CA PHE A 59 8.18 -21.83 -0.18
C PHE A 59 9.02 -20.65 0.33
N GLY A 60 8.33 -19.61 0.81
CA GLY A 60 9.04 -18.45 1.32
C GLY A 60 9.30 -17.32 0.34
N VAL A 61 8.89 -17.46 -0.92
CA VAL A 61 9.11 -16.38 -1.87
C VAL A 61 7.96 -15.39 -1.77
N LYS A 62 8.26 -14.14 -1.44
CA LYS A 62 7.20 -13.13 -1.30
C LYS A 62 7.66 -11.70 -1.47
N ALA A 63 6.70 -10.79 -1.39
CA ALA A 63 6.96 -9.36 -1.54
C ALA A 63 8.05 -8.93 -0.57
N GLY A 64 9.11 -8.33 -1.09
CA GLY A 64 10.17 -7.88 -0.19
C GLY A 64 11.52 -8.55 -0.31
N ILE A 65 11.55 -9.88 -0.47
CA ILE A 65 12.82 -10.56 -0.58
C ILE A 65 13.52 -10.26 -1.88
N PRO A 66 14.86 -10.26 -1.88
CA PRO A 66 15.64 -9.99 -3.09
C PRO A 66 15.31 -11.03 -4.14
N ILE A 67 15.44 -10.65 -5.40
CA ILE A 67 15.16 -11.56 -6.48
C ILE A 67 16.16 -12.71 -6.46
N VAL A 68 17.39 -12.40 -6.10
CA VAL A 68 18.44 -13.42 -6.05
C VAL A 68 18.15 -14.51 -5.04
N GLU A 69 17.56 -14.13 -3.90
CA GLU A 69 17.24 -15.11 -2.86
C GLU A 69 16.06 -15.98 -3.30
N ALA A 70 15.10 -15.38 -3.98
CA ALA A 70 13.94 -16.13 -4.45
C ALA A 70 14.41 -17.18 -5.45
N LYS A 71 15.37 -16.84 -6.30
CA LYS A 71 15.86 -17.81 -7.28
C LYS A 71 16.66 -18.91 -6.60
N LYS A 72 17.29 -18.59 -5.48
CA LYS A 72 18.05 -19.57 -4.72
C LYS A 72 17.04 -20.63 -4.29
N ILE A 73 15.85 -20.17 -3.91
CA ILE A 73 14.81 -21.07 -3.43
C ILE A 73 14.03 -21.77 -4.52
N LEU A 74 13.54 -20.99 -5.47
CA LEU A 74 12.74 -21.51 -6.57
C LEU A 74 13.41 -21.21 -7.89
N PRO A 75 14.58 -21.81 -8.14
CA PRO A 75 15.26 -21.56 -9.41
C PRO A 75 14.44 -21.76 -10.68
N ASN A 76 13.41 -22.60 -10.63
CA ASN A 76 12.62 -22.86 -11.83
C ASN A 76 11.28 -22.15 -11.98
N ALA A 77 10.91 -21.32 -11.01
CA ALA A 77 9.66 -20.59 -11.08
C ALA A 77 9.67 -19.63 -12.28
N VAL A 78 8.56 -18.94 -12.50
CA VAL A 78 8.50 -18.00 -13.61
C VAL A 78 8.69 -16.59 -13.04
N TYR A 79 9.68 -15.87 -13.56
CA TYR A 79 9.97 -14.52 -13.10
C TYR A 79 9.63 -13.47 -14.14
N LEU A 80 8.66 -12.62 -13.81
CA LEU A 80 8.22 -11.58 -14.73
C LEU A 80 8.44 -10.16 -14.21
N PRO A 81 8.82 -9.26 -15.11
CA PRO A 81 9.05 -7.86 -14.72
C PRO A 81 7.71 -7.24 -14.39
N MET A 82 7.69 -6.43 -13.34
CA MET A 82 6.46 -5.75 -12.94
C MET A 82 5.95 -4.82 -14.04
N ARG A 83 4.65 -4.90 -14.35
CA ARG A 83 4.03 -4.03 -15.36
C ARG A 83 2.92 -3.23 -14.68
N LYS A 84 3.34 -2.27 -13.86
CA LYS A 84 2.45 -1.40 -13.09
C LYS A 84 1.23 -0.82 -13.82
N GLU A 85 1.44 -0.27 -15.02
CA GLU A 85 0.35 0.36 -15.76
C GLU A 85 -0.75 -0.65 -16.11
N VAL A 86 -0.37 -1.86 -16.47
CA VAL A 86 -1.32 -2.90 -16.81
C VAL A 86 -2.20 -3.25 -15.62
N TYR A 87 -1.60 -3.50 -14.45
CA TYR A 87 -2.39 -3.86 -13.28
C TYR A 87 -3.31 -2.73 -12.82
N GLN A 88 -2.88 -1.48 -13.06
CA GLN A 88 -3.67 -0.33 -12.67
C GLN A 88 -4.95 -0.24 -13.48
N GLN A 89 -4.84 -0.47 -14.78
CA GLN A 89 -6.02 -0.41 -15.63
C GLN A 89 -6.96 -1.56 -15.33
N VAL A 90 -6.41 -2.71 -15.01
CA VAL A 90 -7.24 -3.86 -14.67
C VAL A 90 -7.93 -3.52 -13.36
N SER A 91 -7.20 -2.84 -12.48
CA SER A 91 -7.72 -2.44 -11.18
C SER A 91 -8.89 -1.44 -11.34
N SER A 92 -8.71 -0.41 -12.15
CA SER A 92 -9.75 0.58 -12.37
C SER A 92 -11.07 -0.07 -12.79
N ARG A 93 -10.99 -1.01 -13.72
CA ARG A 93 -12.20 -1.66 -14.19
C ARG A 93 -12.88 -2.40 -13.07
N ILE A 94 -12.09 -3.03 -12.21
CA ILE A 94 -12.69 -3.75 -11.10
C ILE A 94 -13.29 -2.78 -10.09
N MET A 95 -12.68 -1.61 -9.94
CA MET A 95 -13.21 -0.62 -9.01
C MET A 95 -14.55 -0.11 -9.54
N ASN A 96 -14.64 0.09 -10.86
CA ASN A 96 -15.89 0.56 -11.45
C ASN A 96 -17.05 -0.38 -11.11
N LEU A 97 -16.83 -1.68 -11.21
CA LEU A 97 -17.88 -2.66 -10.90
C LEU A 97 -18.38 -2.52 -9.46
N LEU A 98 -17.44 -2.52 -8.51
CA LEU A 98 -17.80 -2.40 -7.10
C LEU A 98 -18.63 -1.13 -6.93
N ARG A 99 -18.18 -0.09 -7.62
CA ARG A 99 -18.81 1.21 -7.60
C ARG A 99 -20.32 1.07 -7.86
N GLU A 100 -20.70 -0.02 -8.50
CA GLU A 100 -22.08 -0.32 -8.85
C GLU A 100 -22.82 -0.94 -7.67
N TYR A 101 -22.22 -0.93 -6.49
CA TYR A 101 -22.86 -1.52 -5.32
C TYR A 101 -22.95 -0.54 -4.17
N SER A 102 -22.42 0.67 -4.38
CA SER A 102 -22.48 1.70 -3.34
C SER A 102 -21.96 3.04 -3.85
N GLU A 103 -22.44 4.12 -3.27
CA GLU A 103 -22.00 5.46 -3.64
C GLU A 103 -20.77 5.74 -2.78
N LYS A 104 -20.85 5.25 -1.55
CA LYS A 104 -19.76 5.43 -0.61
C LYS A 104 -18.74 4.30 -0.76
N ILE A 105 -17.74 4.58 -1.59
CA ILE A 105 -16.66 3.66 -1.87
C ILE A 105 -15.33 4.36 -1.63
N GLU A 106 -14.45 3.73 -0.87
CA GLU A 106 -13.15 4.29 -0.60
C GLU A 106 -12.08 3.40 -1.21
N ILE A 107 -11.43 3.89 -2.25
CA ILE A 107 -10.37 3.13 -2.91
C ILE A 107 -9.10 3.40 -2.12
N ALA A 108 -8.71 2.43 -1.31
CA ALA A 108 -7.55 2.55 -0.44
C ALA A 108 -6.19 2.37 -1.10
N SER A 109 -6.11 1.49 -2.10
CA SER A 109 -4.84 1.25 -2.80
C SER A 109 -5.14 0.72 -4.19
N ILE A 110 -4.12 0.20 -4.85
CA ILE A 110 -4.31 -0.34 -6.19
C ILE A 110 -5.15 -1.61 -6.20
N ASP A 111 -5.34 -2.23 -5.05
CA ASP A 111 -6.11 -3.47 -5.07
C ASP A 111 -7.06 -3.70 -3.89
N GLU A 112 -7.47 -2.63 -3.22
CA GLU A 112 -8.39 -2.77 -2.12
C GLU A 112 -9.28 -1.56 -1.93
N ALA A 113 -10.54 -1.81 -1.58
CA ALA A 113 -11.50 -0.73 -1.37
C ALA A 113 -12.52 -1.14 -0.32
N TYR A 114 -13.11 -0.13 0.33
CA TYR A 114 -14.15 -0.35 1.34
C TYR A 114 -15.44 0.19 0.74
N LEU A 115 -16.54 -0.51 1.00
CA LEU A 115 -17.85 -0.06 0.53
C LEU A 115 -18.74 0.09 1.75
N ASP A 116 -19.55 1.15 1.76
CA ASP A 116 -20.47 1.35 2.86
C ASP A 116 -21.83 0.87 2.37
N ILE A 117 -22.15 -0.38 2.71
CA ILE A 117 -23.41 -0.97 2.31
C ILE A 117 -24.40 -0.93 3.47
N SER A 118 -24.40 0.18 4.22
CA SER A 118 -25.30 0.32 5.35
C SER A 118 -26.76 0.33 4.90
N ASP A 119 -27.05 1.04 3.82
CA ASP A 119 -28.42 1.08 3.32
C ASP A 119 -28.58 0.39 1.97
N LYS A 120 -28.09 -0.85 1.92
CA LYS A 120 -28.18 -1.67 0.72
C LYS A 120 -28.47 -3.07 1.24
N VAL A 121 -28.28 -3.22 2.54
CA VAL A 121 -28.47 -4.50 3.21
C VAL A 121 -28.99 -4.28 4.64
N ARG A 122 -29.47 -5.36 5.25
CA ARG A 122 -30.00 -5.32 6.61
C ARG A 122 -29.51 -6.58 7.31
N ASP A 123 -28.64 -6.38 8.30
CA ASP A 123 -28.03 -7.47 9.05
C ASP A 123 -26.95 -8.10 8.17
N TYR A 124 -26.15 -9.02 8.72
CA TYR A 124 -25.07 -9.63 7.97
C TYR A 124 -25.37 -10.70 6.93
N ARG A 125 -26.51 -11.38 7.03
CA ARG A 125 -26.83 -12.40 6.04
C ARG A 125 -26.80 -11.78 4.64
N GLU A 126 -27.61 -10.76 4.45
CA GLU A 126 -27.69 -10.08 3.17
C GLU A 126 -26.32 -9.55 2.80
N ALA A 127 -25.59 -9.04 3.78
CA ALA A 127 -24.24 -8.52 3.58
C ALA A 127 -23.41 -9.64 2.97
N TYR A 128 -23.38 -10.77 3.68
CA TYR A 128 -22.64 -11.94 3.26
C TYR A 128 -23.01 -12.26 1.81
N ASN A 129 -24.30 -12.25 1.48
CA ASN A 129 -24.74 -12.54 0.12
C ASN A 129 -24.30 -11.48 -0.88
N LEU A 130 -24.22 -10.23 -0.44
CA LEU A 130 -23.77 -9.18 -1.34
C LEU A 130 -22.29 -9.42 -1.63
N GLY A 131 -21.62 -10.10 -0.70
CA GLY A 131 -20.21 -10.40 -0.88
C GLY A 131 -20.02 -11.32 -2.06
N LEU A 132 -20.67 -12.48 -1.99
CA LEU A 132 -20.57 -13.46 -3.07
C LEU A 132 -20.96 -12.85 -4.40
N GLU A 133 -22.11 -12.17 -4.43
CA GLU A 133 -22.55 -11.52 -5.65
C GLU A 133 -21.41 -10.69 -6.25
N ILE A 134 -20.62 -10.07 -5.37
CA ILE A 134 -19.49 -9.24 -5.82
C ILE A 134 -18.32 -10.11 -6.27
N LYS A 135 -17.90 -11.04 -5.41
CA LYS A 135 -16.81 -11.93 -5.77
C LYS A 135 -17.13 -12.57 -7.11
N ASN A 136 -18.28 -13.24 -7.17
CA ASN A 136 -18.74 -13.92 -8.37
C ASN A 136 -18.73 -13.03 -9.60
N LYS A 137 -19.15 -11.78 -9.43
CA LYS A 137 -19.17 -10.85 -10.55
C LYS A 137 -17.79 -10.44 -11.05
N ILE A 138 -16.86 -10.21 -10.14
CA ILE A 138 -15.51 -9.81 -10.54
C ILE A 138 -14.83 -11.01 -11.20
N LEU A 139 -15.10 -12.19 -10.66
CA LEU A 139 -14.53 -13.43 -11.18
C LEU A 139 -14.99 -13.66 -12.61
N GLU A 140 -16.28 -13.49 -12.85
CA GLU A 140 -16.88 -13.66 -14.17
C GLU A 140 -16.39 -12.61 -15.16
N LYS A 141 -16.49 -11.36 -14.76
CA LYS A 141 -16.11 -10.24 -15.61
C LYS A 141 -14.61 -10.10 -15.89
N GLU A 142 -13.79 -10.28 -14.86
CA GLU A 142 -12.34 -10.13 -15.01
C GLU A 142 -11.49 -11.37 -14.65
N LYS A 143 -12.15 -12.40 -14.12
CA LYS A 143 -11.49 -13.65 -13.74
C LYS A 143 -10.38 -13.39 -12.74
N ILE A 144 -10.75 -12.62 -11.73
CA ILE A 144 -9.86 -12.27 -10.65
C ILE A 144 -10.56 -12.65 -9.36
N THR A 145 -9.92 -13.47 -8.55
CA THR A 145 -10.50 -13.85 -7.28
C THR A 145 -10.07 -12.78 -6.28
N VAL A 146 -10.94 -12.54 -5.31
CA VAL A 146 -10.71 -11.54 -4.28
C VAL A 146 -11.25 -12.04 -2.95
N THR A 147 -10.76 -11.46 -1.85
CA THR A 147 -11.25 -11.85 -0.55
C THR A 147 -12.09 -10.69 -0.04
N VAL A 148 -13.18 -11.02 0.64
CA VAL A 148 -14.09 -10.02 1.16
C VAL A 148 -14.16 -10.01 2.67
N GLY A 149 -14.14 -8.81 3.26
CA GLY A 149 -14.25 -8.68 4.70
C GLY A 149 -15.46 -7.84 5.03
N ILE A 150 -16.23 -8.22 6.05
CA ILE A 150 -17.43 -7.48 6.42
C ILE A 150 -17.53 -7.31 7.94
N SER A 151 -17.70 -6.07 8.38
CA SER A 151 -17.80 -5.80 9.80
C SER A 151 -18.45 -4.44 10.04
N LYS A 152 -18.45 -3.97 11.28
CA LYS A 152 -19.09 -2.71 11.60
C LYS A 152 -18.27 -1.48 11.21
N ASN A 153 -16.97 -1.66 10.99
CA ASN A 153 -16.12 -0.53 10.61
C ASN A 153 -14.98 -0.99 9.70
N LYS A 154 -14.35 -0.05 9.02
CA LYS A 154 -13.26 -0.34 8.11
C LYS A 154 -12.16 -1.22 8.67
N VAL A 155 -11.66 -0.88 9.85
CA VAL A 155 -10.59 -1.66 10.45
C VAL A 155 -10.95 -3.13 10.60
N PHE A 156 -12.14 -3.42 11.10
CA PHE A 156 -12.50 -4.82 11.28
C PHE A 156 -12.85 -5.51 9.98
N ALA A 157 -13.29 -4.75 8.99
CA ALA A 157 -13.58 -5.31 7.69
C ALA A 157 -12.24 -5.79 7.15
N LYS A 158 -11.23 -4.94 7.27
CA LYS A 158 -9.89 -5.25 6.81
C LYS A 158 -9.37 -6.50 7.50
N ILE A 159 -9.45 -6.51 8.82
CA ILE A 159 -9.01 -7.66 9.58
C ILE A 159 -9.75 -8.91 9.12
N ALA A 160 -11.04 -8.77 8.84
CA ALA A 160 -11.84 -9.90 8.40
C ALA A 160 -11.25 -10.53 7.14
N ALA A 161 -10.86 -9.69 6.19
CA ALA A 161 -10.27 -10.19 4.94
C ALA A 161 -8.89 -10.84 5.17
N ASP A 162 -8.05 -10.23 5.99
CA ASP A 162 -6.73 -10.80 6.25
C ASP A 162 -6.87 -12.22 6.75
N MET A 163 -7.92 -12.46 7.52
CA MET A 163 -8.14 -13.77 8.08
C MET A 163 -8.72 -14.78 7.11
N ALA A 164 -9.41 -14.31 6.08
CA ALA A 164 -10.01 -15.20 5.11
C ALA A 164 -9.19 -15.45 3.84
N LYS A 165 -8.19 -14.61 3.62
CA LYS A 165 -7.36 -14.72 2.43
C LYS A 165 -6.71 -16.10 2.26
N PRO A 166 -6.65 -16.63 1.03
CA PRO A 166 -7.16 -15.94 -0.17
C PRO A 166 -8.48 -16.51 -0.67
N ASN A 167 -9.03 -15.87 -1.70
CA ASN A 167 -10.28 -16.28 -2.33
C ASN A 167 -11.39 -16.54 -1.32
N GLY A 168 -11.35 -15.83 -0.19
CA GLY A 168 -12.37 -16.04 0.81
C GLY A 168 -13.31 -14.88 1.03
N ILE A 169 -14.22 -15.08 1.97
CA ILE A 169 -15.19 -14.07 2.35
C ILE A 169 -15.43 -14.30 3.83
N LYS A 170 -15.47 -13.23 4.60
CA LYS A 170 -15.69 -13.37 6.03
C LYS A 170 -16.42 -12.21 6.68
N VAL A 171 -17.16 -12.55 7.73
CA VAL A 171 -17.91 -11.58 8.50
C VAL A 171 -17.43 -11.66 9.95
N ILE A 172 -17.36 -10.50 10.61
CA ILE A 172 -16.97 -10.45 12.02
C ILE A 172 -18.05 -9.64 12.74
N ASP A 173 -19.05 -10.34 13.28
CA ASP A 173 -20.17 -9.72 14.00
C ASP A 173 -19.78 -9.03 15.30
N ASP A 174 -20.55 -8.01 15.68
CA ASP A 174 -20.31 -7.22 16.88
C ASP A 174 -19.94 -8.06 18.09
N GLU A 175 -20.50 -9.26 18.18
CA GLU A 175 -20.21 -10.14 19.29
C GLU A 175 -18.76 -10.56 19.22
N GLU A 176 -18.34 -10.97 18.03
CA GLU A 176 -16.98 -11.42 17.80
C GLU A 176 -15.98 -10.27 17.86
N VAL A 177 -16.44 -9.07 17.51
CA VAL A 177 -15.58 -7.90 17.58
C VAL A 177 -15.09 -7.80 19.01
N LYS A 178 -15.99 -8.06 19.94
CA LYS A 178 -15.67 -7.98 21.36
C LYS A 178 -14.67 -9.05 21.81
N ARG A 179 -14.53 -10.11 21.03
CA ARG A 179 -13.55 -11.15 21.38
C ARG A 179 -12.19 -10.72 20.85
N LEU A 180 -12.16 -10.28 19.60
CA LEU A 180 -10.93 -9.83 18.95
C LEU A 180 -10.24 -8.74 19.77
N ILE A 181 -11.03 -7.79 20.28
CA ILE A 181 -10.51 -6.69 21.08
C ILE A 181 -9.76 -7.20 22.33
N ARG A 182 -9.83 -8.50 22.55
CA ARG A 182 -9.24 -9.15 23.71
C ARG A 182 -8.22 -10.20 23.26
N GLU A 183 -8.54 -10.87 22.17
CA GLU A 183 -7.69 -11.94 21.64
C GLU A 183 -6.72 -11.54 20.54
N LEU A 184 -7.06 -10.53 19.75
CA LEU A 184 -6.22 -10.10 18.65
C LEU A 184 -4.92 -9.45 19.08
N ASP A 185 -3.81 -9.98 18.58
CA ASP A 185 -2.51 -9.40 18.90
C ASP A 185 -2.52 -7.96 18.35
N ILE A 186 -2.18 -7.01 19.21
CA ILE A 186 -2.15 -5.60 18.84
C ILE A 186 -1.39 -5.42 17.53
N ALA A 187 -0.31 -6.20 17.37
CA ALA A 187 0.52 -6.12 16.16
C ALA A 187 -0.28 -6.36 14.88
N ASP A 188 -1.30 -7.20 14.93
CA ASP A 188 -2.10 -7.47 13.73
C ASP A 188 -3.14 -6.40 13.43
N VAL A 189 -3.15 -5.33 14.23
CA VAL A 189 -4.08 -4.24 13.98
C VAL A 189 -3.52 -3.42 12.82
N PRO A 190 -4.34 -3.09 11.83
CA PRO A 190 -3.82 -2.29 10.72
C PRO A 190 -3.23 -0.97 11.19
N GLY A 191 -2.12 -0.58 10.60
CA GLY A 191 -1.52 0.69 10.97
C GLY A 191 -0.56 0.55 12.13
N ILE A 192 -0.32 -0.69 12.54
CA ILE A 192 0.60 -0.92 13.65
C ILE A 192 1.75 -1.78 13.15
N GLY A 193 2.86 -1.14 12.77
CA GLY A 193 4.01 -1.87 12.28
C GLY A 193 4.95 -2.29 13.39
N ASN A 194 6.12 -2.79 13.02
CA ASN A 194 7.13 -3.24 13.98
C ASN A 194 7.54 -2.18 15.00
N ILE A 195 7.82 -0.97 14.52
CA ILE A 195 8.24 0.08 15.43
C ILE A 195 7.20 0.34 16.52
N THR A 196 5.93 0.42 16.14
CA THR A 196 4.88 0.66 17.12
C THR A 196 4.61 -0.57 17.97
N ALA A 197 4.65 -1.75 17.35
CA ALA A 197 4.38 -3.01 18.04
C ALA A 197 5.35 -3.18 19.21
N GLU A 198 6.61 -2.83 18.98
CA GLU A 198 7.60 -2.96 20.03
C GLU A 198 7.51 -1.90 21.11
N LYS A 199 7.10 -0.70 20.74
CA LYS A 199 6.96 0.35 21.75
C LYS A 199 5.81 -0.11 22.64
N LEU A 200 4.79 -0.71 22.02
CA LEU A 200 3.61 -1.16 22.75
C LEU A 200 3.91 -2.31 23.71
N LYS A 201 4.84 -3.19 23.36
CA LYS A 201 5.20 -4.30 24.25
C LYS A 201 5.87 -3.73 25.50
N LYS A 202 6.85 -2.86 25.28
CA LYS A 202 7.58 -2.24 26.37
C LYS A 202 6.63 -1.59 27.37
N LEU A 203 5.45 -1.20 26.90
CA LEU A 203 4.47 -0.57 27.78
C LEU A 203 3.48 -1.62 28.26
N GLY A 204 3.80 -2.88 28.02
CA GLY A 204 2.95 -3.97 28.46
C GLY A 204 1.68 -4.23 27.66
N ILE A 205 1.51 -3.54 26.54
CA ILE A 205 0.32 -3.70 25.69
C ILE A 205 0.51 -4.71 24.57
N ASN A 206 -0.08 -5.89 24.70
CA ASN A 206 0.05 -6.92 23.67
C ASN A 206 -1.29 -7.17 22.96
N LYS A 207 -2.36 -6.68 23.55
CA LYS A 207 -3.70 -6.84 22.98
C LYS A 207 -4.40 -5.49 23.01
N LEU A 208 -5.24 -5.23 22.00
CA LEU A 208 -5.96 -3.97 21.93
C LEU A 208 -6.50 -3.54 23.29
N VAL A 209 -7.22 -4.44 23.95
CA VAL A 209 -7.81 -4.11 25.23
C VAL A 209 -6.82 -3.44 26.19
N ASP A 210 -5.63 -4.01 26.34
CA ASP A 210 -4.62 -3.45 27.22
C ASP A 210 -4.52 -1.92 27.15
N THR A 211 -4.78 -1.34 25.99
CA THR A 211 -4.67 0.12 25.84
C THR A 211 -5.61 0.88 26.77
N LEU A 212 -6.38 0.16 27.56
CA LEU A 212 -7.32 0.77 28.49
C LEU A 212 -6.77 0.85 29.91
N SER A 213 -5.74 0.07 30.20
CA SER A 213 -5.13 0.06 31.53
C SER A 213 -4.03 1.11 31.67
N ILE A 214 -3.53 1.57 30.54
CA ILE A 214 -2.47 2.57 30.51
C ILE A 214 -3.01 3.98 30.56
N GLU A 215 -2.27 4.87 31.21
CA GLU A 215 -2.66 6.28 31.30
C GLU A 215 -2.62 6.81 29.87
N PHE A 216 -3.64 7.56 29.46
CA PHE A 216 -3.64 8.09 28.10
C PHE A 216 -2.35 8.81 27.74
N ASP A 217 -2.04 9.87 28.48
CA ASP A 217 -0.84 10.66 28.22
C ASP A 217 0.44 9.87 28.08
N LYS A 218 0.52 8.69 28.67
CA LYS A 218 1.74 7.90 28.52
C LYS A 218 1.72 7.31 27.13
N LEU A 219 0.56 6.81 26.71
CA LEU A 219 0.39 6.24 25.38
C LEU A 219 0.86 7.32 24.43
N LYS A 220 0.17 8.46 24.44
CA LYS A 220 0.50 9.58 23.57
C LYS A 220 1.99 9.91 23.57
N GLY A 221 2.59 9.87 24.75
CA GLY A 221 4.00 10.18 24.83
C GLY A 221 4.83 9.14 24.11
N MET A 222 4.40 7.89 24.18
CA MET A 222 5.16 6.82 23.54
C MET A 222 4.93 6.56 22.06
N ILE A 223 3.69 6.74 21.57
CA ILE A 223 3.42 6.47 20.16
C ILE A 223 2.65 7.55 19.44
N GLY A 224 2.57 8.73 20.02
CA GLY A 224 1.83 9.79 19.36
C GLY A 224 0.37 9.76 19.75
N GLU A 225 -0.25 10.94 19.69
CA GLU A 225 -1.65 11.12 20.06
C GLU A 225 -2.61 10.52 19.03
N ALA A 226 -2.29 10.71 17.76
CA ALA A 226 -3.13 10.20 16.69
C ALA A 226 -3.25 8.68 16.81
N LYS A 227 -2.11 8.03 17.02
CA LYS A 227 -2.06 6.58 17.13
C LYS A 227 -2.69 6.09 18.43
N ALA A 228 -2.60 6.91 19.48
CA ALA A 228 -3.16 6.57 20.79
C ALA A 228 -4.68 6.61 20.76
N LYS A 229 -5.22 7.68 20.20
CA LYS A 229 -6.67 7.84 20.10
C LYS A 229 -7.22 6.76 19.20
N TYR A 230 -6.47 6.41 18.17
CA TYR A 230 -6.88 5.36 17.23
C TYR A 230 -7.08 4.05 17.98
N LEU A 231 -6.03 3.55 18.62
CA LEU A 231 -6.14 2.30 19.37
C LEU A 231 -7.19 2.32 20.49
N ILE A 232 -7.30 3.42 21.23
CA ILE A 232 -8.28 3.53 22.32
C ILE A 232 -9.69 3.42 21.74
N SER A 233 -9.91 4.03 20.57
CA SER A 233 -11.22 3.95 19.93
C SER A 233 -11.58 2.49 19.69
N LEU A 234 -10.81 1.82 18.85
CA LEU A 234 -11.06 0.42 18.56
C LEU A 234 -11.21 -0.36 19.84
N ALA A 235 -10.35 -0.08 20.81
CA ALA A 235 -10.39 -0.76 22.09
C ALA A 235 -11.73 -0.54 22.77
N ARG A 236 -12.26 0.69 22.69
CA ARG A 236 -13.54 1.03 23.30
C ARG A 236 -14.67 0.70 22.33
N ASP A 237 -14.35 -0.12 21.33
CA ASP A 237 -15.36 -0.51 20.33
C ASP A 237 -16.15 0.72 19.91
N GLU A 238 -15.44 1.83 19.69
CA GLU A 238 -16.06 3.08 19.29
C GLU A 238 -15.57 3.63 17.95
N TYR A 239 -14.61 2.95 17.32
CA TYR A 239 -14.06 3.39 16.03
C TYR A 239 -15.16 3.45 14.95
N ASN A 240 -15.24 4.57 14.24
CA ASN A 240 -16.27 4.74 13.21
C ASN A 240 -15.92 5.68 12.07
N GLU A 241 -14.72 5.59 11.52
CA GLU A 241 -14.40 6.49 10.43
C GLU A 241 -15.29 6.14 9.25
N PRO A 242 -15.82 7.15 8.57
CA PRO A 242 -16.69 6.87 7.44
C PRO A 242 -15.90 6.54 6.18
N ILE A 243 -16.52 5.75 5.30
CA ILE A 243 -15.91 5.39 4.04
C ILE A 243 -15.91 6.69 3.28
N ARG A 244 -14.84 7.00 2.58
CA ARG A 244 -14.84 8.25 1.85
C ARG A 244 -13.87 8.31 0.69
N THR A 245 -14.30 9.02 -0.34
CA THR A 245 -13.48 9.19 -1.54
C THR A 245 -12.14 9.75 -1.15
N ARG A 246 -11.10 9.34 -1.87
CA ARG A 246 -9.75 9.81 -1.62
C ARG A 246 -9.06 10.05 -2.94
N VAL A 247 -8.62 11.27 -3.16
CA VAL A 247 -7.95 11.60 -4.41
C VAL A 247 -6.43 11.68 -4.19
N ARG A 248 -5.68 11.33 -5.22
CA ARG A 248 -4.22 11.34 -5.19
C ARG A 248 -3.71 12.73 -4.76
N LYS A 249 -2.84 12.76 -3.77
CA LYS A 249 -2.27 14.00 -3.27
C LYS A 249 -0.79 14.11 -3.61
N SER A 250 -0.27 13.11 -4.32
CA SER A 250 1.12 13.15 -4.71
C SER A 250 1.46 12.22 -5.86
N ILE A 251 2.45 12.63 -6.65
CA ILE A 251 2.90 11.87 -7.80
C ILE A 251 4.39 12.01 -7.89
N GLY A 252 5.09 10.88 -8.05
CA GLY A 252 6.53 10.94 -8.12
C GLY A 252 7.14 9.69 -8.70
N ARG A 253 8.43 9.77 -8.98
CA ARG A 253 9.16 8.67 -9.55
C ARG A 253 10.54 8.67 -8.91
N ILE A 254 11.02 7.48 -8.57
CA ILE A 254 12.33 7.35 -7.95
C ILE A 254 13.02 6.18 -8.62
N VAL A 255 14.28 6.36 -8.98
CA VAL A 255 15.01 5.32 -9.67
C VAL A 255 16.32 4.95 -9.01
N THR A 256 16.77 3.72 -9.25
CA THR A 256 18.02 3.23 -8.68
C THR A 256 19.13 3.44 -9.69
N MET A 257 20.25 3.98 -9.24
CA MET A 257 21.37 4.19 -10.15
C MET A 257 22.22 2.92 -10.28
N LYS A 258 22.84 2.75 -11.45
CA LYS A 258 23.68 1.59 -11.71
C LYS A 258 24.78 1.51 -10.66
N ARG A 259 25.26 2.68 -10.25
CA ARG A 259 26.31 2.80 -9.23
C ARG A 259 25.91 3.91 -8.29
N ASN A 260 26.36 3.83 -7.04
CA ASN A 260 26.06 4.89 -6.08
C ASN A 260 26.95 6.01 -6.53
N SER A 261 26.60 7.25 -6.20
CA SER A 261 27.42 8.38 -6.61
C SER A 261 27.18 9.64 -5.82
N ARG A 262 28.08 10.60 -6.01
CA ARG A 262 28.00 11.91 -5.37
C ARG A 262 28.30 12.93 -6.46
N ASN A 263 28.64 12.42 -7.64
CA ASN A 263 28.94 13.27 -8.79
C ASN A 263 27.63 13.79 -9.39
N LEU A 264 27.41 15.08 -9.24
CA LEU A 264 26.20 15.72 -9.74
C LEU A 264 25.86 15.34 -11.18
N GLU A 265 26.87 15.25 -12.03
CA GLU A 265 26.62 14.93 -13.44
C GLU A 265 26.22 13.49 -13.70
N GLU A 266 26.57 12.56 -12.81
CA GLU A 266 26.19 11.16 -12.97
C GLU A 266 24.74 10.99 -12.48
N ILE A 267 24.39 11.74 -11.46
CA ILE A 267 23.06 11.68 -10.88
C ILE A 267 21.97 12.40 -11.69
N LYS A 268 22.33 13.53 -12.29
CA LYS A 268 21.39 14.32 -13.07
C LYS A 268 20.50 13.56 -14.06
N PRO A 269 21.10 12.70 -14.89
CA PRO A 269 20.33 11.92 -15.88
C PRO A 269 19.21 11.10 -15.24
N TYR A 270 19.48 10.51 -14.08
CA TYR A 270 18.48 9.72 -13.39
C TYR A 270 17.40 10.67 -12.86
N LEU A 271 17.83 11.77 -12.23
CA LEU A 271 16.89 12.73 -11.67
C LEU A 271 15.99 13.29 -12.77
N PHE A 272 16.58 13.64 -13.91
CA PHE A 272 15.79 14.19 -15.01
C PHE A 272 14.83 13.17 -15.58
N ARG A 273 15.24 11.91 -15.58
CA ARG A 273 14.40 10.82 -16.07
C ARG A 273 13.18 10.78 -15.12
N ALA A 274 13.45 10.91 -13.82
CA ALA A 274 12.40 10.86 -12.82
C ALA A 274 11.41 12.01 -13.00
N ILE A 275 11.92 13.20 -13.28
CA ILE A 275 11.05 14.34 -13.49
C ILE A 275 10.15 14.13 -14.73
N GLU A 276 10.75 13.64 -15.80
CA GLU A 276 10.02 13.38 -17.04
C GLU A 276 8.81 12.52 -16.78
N GLU A 277 9.07 11.29 -16.38
CA GLU A 277 8.02 10.33 -16.10
C GLU A 277 7.00 10.91 -15.15
N SER A 278 7.47 11.59 -14.11
CA SER A 278 6.54 12.19 -13.16
C SER A 278 5.60 13.17 -13.84
N TYR A 279 6.14 14.10 -14.62
CA TYR A 279 5.29 15.07 -15.30
C TYR A 279 4.30 14.40 -16.22
N TYR A 280 4.78 13.42 -16.99
CA TYR A 280 3.89 12.70 -17.88
C TYR A 280 2.71 12.17 -17.07
N LYS A 281 3.00 11.68 -15.87
CA LYS A 281 1.96 11.11 -15.01
C LYS A 281 1.08 12.16 -14.36
N LEU A 282 1.61 13.35 -14.14
CA LEU A 282 0.80 14.40 -13.51
C LEU A 282 -0.46 14.63 -14.32
N ASP A 283 -0.37 14.43 -15.63
CA ASP A 283 -1.48 14.63 -16.54
C ASP A 283 -1.87 16.11 -16.50
N LYS A 284 -3.15 16.43 -16.38
CA LYS A 284 -3.54 17.84 -16.35
C LYS A 284 -3.38 18.49 -14.96
N ARG A 285 -2.49 17.95 -14.14
CA ARG A 285 -2.30 18.50 -12.79
C ARG A 285 -1.06 19.35 -12.60
N ILE A 286 -1.23 20.45 -11.87
CA ILE A 286 -0.14 21.37 -11.64
C ILE A 286 0.24 21.48 -10.18
N PRO A 287 1.43 20.97 -9.83
CA PRO A 287 1.93 20.99 -8.45
C PRO A 287 2.58 22.31 -8.07
N LYS A 288 2.45 22.67 -6.80
CA LYS A 288 3.05 23.89 -6.29
C LYS A 288 4.29 23.49 -5.50
N ALA A 289 4.32 22.23 -5.07
CA ALA A 289 5.46 21.73 -4.30
C ALA A 289 6.24 20.62 -5.02
N ILE A 290 7.55 20.61 -4.81
CA ILE A 290 8.45 19.63 -5.39
C ILE A 290 9.42 19.18 -4.33
N HIS A 291 9.70 17.89 -4.31
CA HIS A 291 10.67 17.33 -3.37
C HIS A 291 11.63 16.44 -4.13
N VAL A 292 12.90 16.49 -3.76
CA VAL A 292 13.89 15.62 -4.37
C VAL A 292 14.15 14.59 -3.27
N VAL A 293 14.00 13.33 -3.62
CA VAL A 293 14.20 12.28 -2.61
C VAL A 293 15.39 11.41 -2.99
N ALA A 294 16.25 11.18 -2.01
CA ALA A 294 17.43 10.36 -2.24
C ALA A 294 17.60 9.25 -1.22
N VAL A 295 17.91 8.06 -1.72
CA VAL A 295 18.15 6.92 -0.85
C VAL A 295 19.68 6.75 -0.85
N THR A 296 20.29 7.02 0.30
CA THR A 296 21.74 6.92 0.46
C THR A 296 22.20 5.45 0.41
N GLU A 297 23.50 5.24 0.23
CA GLU A 297 24.03 3.89 0.11
C GLU A 297 23.59 2.95 1.24
N ASP A 298 23.47 3.44 2.46
CA ASP A 298 23.03 2.59 3.56
C ASP A 298 21.51 2.63 3.64
N LEU A 299 20.89 2.40 2.47
CA LEU A 299 19.45 2.40 2.29
C LEU A 299 18.68 3.33 3.24
N ASP A 300 19.25 4.51 3.45
CA ASP A 300 18.66 5.56 4.29
C ASP A 300 18.00 6.58 3.35
N ILE A 301 17.09 7.41 3.87
CA ILE A 301 16.39 8.35 3.01
C ILE A 301 16.43 9.83 3.43
N VAL A 302 16.96 10.67 2.55
CA VAL A 302 17.06 12.11 2.80
C VAL A 302 16.25 12.81 1.71
N SER A 303 15.57 13.89 2.07
CA SER A 303 14.78 14.62 1.09
C SER A 303 14.84 16.14 1.32
N ARG A 304 14.73 16.90 0.23
CA ARG A 304 14.76 18.36 0.31
C ARG A 304 13.71 18.87 -0.64
N GLY A 305 12.92 19.83 -0.20
CA GLY A 305 11.87 20.35 -1.07
C GLY A 305 11.60 21.82 -0.92
N ARG A 306 10.65 22.30 -1.73
CA ARG A 306 10.26 23.69 -1.72
C ARG A 306 8.85 23.85 -2.27
N THR A 307 8.10 24.75 -1.66
CA THR A 307 6.74 25.05 -2.09
C THR A 307 6.74 26.44 -2.72
N PHE A 308 6.18 26.54 -3.92
CA PHE A 308 6.13 27.81 -4.63
C PHE A 308 4.76 28.44 -4.48
N PRO A 309 4.69 29.79 -4.55
CA PRO A 309 3.41 30.49 -4.42
C PRO A 309 2.53 30.27 -5.64
N HIS A 310 3.06 29.53 -6.62
CA HIS A 310 2.31 29.24 -7.85
C HIS A 310 2.68 27.83 -8.33
N GLY A 311 2.06 27.39 -9.43
CA GLY A 311 2.36 26.07 -9.96
C GLY A 311 3.77 25.95 -10.52
N ILE A 312 4.24 24.71 -10.68
CA ILE A 312 5.59 24.44 -11.18
C ILE A 312 5.66 23.95 -12.63
N SER A 313 6.37 24.68 -13.48
CA SER A 313 6.52 24.25 -14.87
C SER A 313 7.65 23.22 -14.91
N LYS A 314 7.77 22.47 -16.01
CA LYS A 314 8.82 21.48 -16.12
C LYS A 314 10.18 22.14 -16.03
N GLU A 315 10.37 23.26 -16.73
CA GLU A 315 11.65 23.97 -16.66
C GLU A 315 11.98 24.36 -15.22
N THR A 316 10.98 24.83 -14.47
CA THR A 316 11.21 25.21 -13.09
C THR A 316 11.56 23.99 -12.25
N ALA A 317 10.91 22.86 -12.53
CA ALA A 317 11.18 21.63 -11.80
C ALA A 317 12.58 21.13 -12.09
N TYR A 318 13.02 21.24 -13.34
CA TYR A 318 14.38 20.81 -13.68
C TYR A 318 15.39 21.59 -12.87
N SER A 319 15.28 22.90 -12.93
CA SER A 319 16.18 23.81 -12.24
C SER A 319 16.14 23.65 -10.72
N GLU A 320 14.96 23.71 -10.14
CA GLU A 320 14.84 23.60 -8.69
C GLU A 320 15.33 22.24 -8.15
N SER A 321 15.03 21.17 -8.89
CA SER A 321 15.43 19.84 -8.46
C SER A 321 16.94 19.71 -8.35
N VAL A 322 17.65 20.37 -9.24
CA VAL A 322 19.11 20.32 -9.23
C VAL A 322 19.64 21.02 -7.98
N LYS A 323 18.99 22.12 -7.59
CA LYS A 323 19.42 22.84 -6.40
C LYS A 323 19.17 22.03 -5.14
N LEU A 324 18.02 21.36 -5.08
CA LEU A 324 17.70 20.55 -3.91
C LEU A 324 18.68 19.37 -3.83
N LEU A 325 19.05 18.84 -5.00
CA LEU A 325 20.00 17.74 -5.06
C LEU A 325 21.35 18.19 -4.52
N GLN A 326 21.71 19.43 -4.82
CA GLN A 326 22.98 20.01 -4.36
C GLN A 326 22.91 20.20 -2.85
N LYS A 327 21.76 20.60 -2.35
CA LYS A 327 21.56 20.78 -0.93
C LYS A 327 21.87 19.45 -0.24
N ILE A 328 21.27 18.38 -0.76
CA ILE A 328 21.47 17.03 -0.21
C ILE A 328 22.95 16.63 -0.14
N LEU A 329 23.63 16.64 -1.28
CA LEU A 329 25.03 16.26 -1.33
C LEU A 329 25.89 17.07 -0.36
N GLU A 330 25.47 18.31 -0.13
CA GLU A 330 26.17 19.23 0.75
C GLU A 330 25.93 18.93 2.23
N GLU A 331 24.67 18.74 2.60
CA GLU A 331 24.31 18.49 3.99
C GLU A 331 24.40 17.02 4.38
N ASP A 332 24.64 16.15 3.39
CA ASP A 332 24.77 14.73 3.68
C ASP A 332 25.95 14.17 2.92
N GLU A 333 26.92 13.65 3.66
CA GLU A 333 28.14 13.11 3.08
C GLU A 333 28.06 11.72 2.44
N ARG A 334 27.09 10.91 2.84
CA ARG A 334 26.95 9.56 2.29
C ARG A 334 26.78 9.54 0.76
N LYS A 335 27.07 8.40 0.14
CA LYS A 335 26.90 8.26 -1.31
C LYS A 335 25.42 8.02 -1.57
N ILE A 336 24.95 8.46 -2.73
CA ILE A 336 23.55 8.30 -3.09
C ILE A 336 23.34 7.07 -3.95
N ARG A 337 22.32 6.29 -3.61
CA ARG A 337 21.99 5.07 -4.34
C ARG A 337 20.74 5.20 -5.20
N ARG A 338 19.66 5.72 -4.62
CA ARG A 338 18.41 5.89 -5.36
C ARG A 338 18.08 7.39 -5.38
N ILE A 339 17.66 7.90 -6.54
CA ILE A 339 17.33 9.32 -6.69
C ILE A 339 15.97 9.53 -7.36
N GLY A 340 15.21 10.51 -6.90
CA GLY A 340 13.91 10.75 -7.50
C GLY A 340 13.24 12.04 -7.07
N VAL A 341 12.01 12.23 -7.51
CA VAL A 341 11.26 13.42 -7.19
C VAL A 341 9.81 13.09 -6.87
N ARG A 342 9.17 13.99 -6.12
CA ARG A 342 7.77 13.85 -5.78
C ARG A 342 7.13 15.23 -5.77
N PHE A 343 6.06 15.37 -6.55
CA PHE A 343 5.29 16.60 -6.70
C PHE A 343 3.99 16.55 -5.92
N SER A 344 3.58 17.67 -5.32
CA SER A 344 2.33 17.70 -4.56
C SER A 344 1.74 19.13 -4.45
N LYS A 345 0.69 19.25 -3.65
CA LYS A 345 0.01 20.53 -3.47
C LYS A 345 -0.52 20.97 -4.82
N PHE A 346 -1.28 20.08 -5.45
CA PHE A 346 -1.84 20.35 -6.75
C PHE A 346 -2.80 21.52 -6.75
N ILE A 347 -2.68 22.36 -7.76
CA ILE A 347 -3.56 23.51 -7.87
C ILE A 347 -4.96 22.98 -8.13
N GLU A 348 -5.89 23.49 -7.46
P BZG C 5 13.46 0.77 -8.18
O1P BZG C 5 13.56 0.87 -9.66
O2P BZG C 5 14.45 1.64 -7.50
O5' BZG C 5 11.97 1.19 -7.74
CZ1 BZG C 5 10.56 0.65 2.19
CT1 BZG C 5 11.08 0.45 3.47
CI BZG C 5 11.06 -0.82 4.03
CT2 BZG C 5 10.54 -1.89 3.33
CZ2 BZG C 5 10.01 -1.69 2.06
CE BZG C 5 10.02 -0.43 1.48
CW BZG C 5 9.50 -0.22 0.22
OL BZG C 5 8.36 -0.98 -0.23
CK BZG C 5 7.89 -0.53 -1.42
NJ BZG C 5 6.58 -0.66 -1.69
CH BZG C 5 6.07 -0.26 -2.87
NI BZG C 5 4.77 -0.40 -3.11
NG BZG C 5 6.86 0.28 -3.81
CF BZG C 5 8.17 0.44 -3.59
CM BZG C 5 8.72 0.03 -2.38
NN BZG C 5 10.02 0.32 -2.43
CO BZG C 5 10.28 0.87 -3.61
NE BZG C 5 9.16 0.95 -4.32
CT' BZG C 5 9.01 1.48 -5.69
OS' BZG C 5 9.42 0.55 -6.70
CP' BZG C 5 9.90 2.69 -5.99
C5' BZG C 5 10.87 0.88 -8.58
C4' BZG C 5 9.57 1.33 -7.91
C3' BZG C 5 9.59 2.79 -7.48
O3' BZG C 5 8.30 3.37 -7.69
CA CA D . 0.30 -5.79 2.07
CA CA E . -4.27 -8.24 -2.15
CA CA F . -4.24 -5.14 -0.57
CA CA G . 1.54 -5.34 11.66
PG DGT H . -2.50 -11.06 -0.94
O1G DGT H . -1.44 -11.35 0.23
O2G DGT H . -3.28 -9.73 -0.48
O3G DGT H . -3.43 -12.19 -1.16
O3B DGT H . -1.60 -10.76 -2.24
PB DGT H . -1.15 -9.30 -2.77
O1B DGT H . -2.01 -8.66 -3.78
O2B DGT H . 0.30 -9.04 -2.58
O3A DGT H . -1.69 -8.53 -1.46
PA DGT H . -1.34 -7.01 -1.07
O1A DGT H . 0.19 -7.03 -0.58
O2A DGT H . -2.25 -6.51 0.00
O5' DGT H . -1.35 -6.11 -2.40
C5' DGT H . -0.40 -6.54 -3.37
C4' DGT H . -0.09 -5.57 -4.51
O4' DGT H . 0.51 -4.34 -4.05
C3' DGT H . 1.06 -6.37 -5.12
O3' DGT H . 0.50 -7.25 -6.12
C2' DGT H . 1.85 -5.24 -5.77
C1' DGT H . 1.83 -4.23 -4.61
N9 DGT H . 2.84 -4.53 -3.57
C8 DGT H . 2.61 -5.10 -2.39
N7 DGT H . 3.74 -5.14 -1.68
C5 DGT H . 4.70 -4.60 -2.41
C6 DGT H . 6.06 -4.38 -2.19
O6 DGT H . 6.58 -4.65 -1.12
N1 DGT H . 6.83 -3.78 -3.20
C2 DGT H . 6.20 -3.41 -4.41
N2 DGT H . 6.92 -2.86 -5.38
N3 DGT H . 4.89 -3.63 -4.58
C4 DGT H . 4.14 -4.21 -3.63
#